data_2YD9
#
_entry.id   2YD9
#
_cell.length_a   71.699
_cell.length_b   90.043
_cell.length_c   143.283
_cell.angle_alpha   90.00
_cell.angle_beta   90.00
_cell.angle_gamma   90.00
#
_symmetry.space_group_name_H-M   'I 2 2 2'
#
loop_
_entity.id
_entity.type
_entity.pdbx_description
1 polymer 'RECEPTOR-TYPE TYROSINE-PROTEIN PHOSPHATASE S'
2 non-polymer 'CHLORIDE ION'
3 non-polymer 'IODIDE ION'
4 non-polymer 2-acetamido-2-deoxy-beta-D-glucopyranose
5 non-polymer 2-[3-(2-HYDROXY-1,1-DIHYDROXYMETHYL-ETHYLAMINO)-PROPYLAMINO]-2-HYDROXYMETHYL-PROPANE-1,3-DIOL
6 water water
#
_entity_poly.entity_id   1
_entity_poly.type   'polypeptide(L)'
_entity_poly.pdbx_seq_one_letter_code
;ETGEEPPRFIKEPKDQIGVSGGVASFVCQATGDPKPRVTWNKKGKKVNSQRFETIEFDESAGAVLRIQPLRTPRDENVYE
CVAQNSVGEITVHAKLTVLREDQLPSGFPNIDMGPQLKVVERTRTATMLCAASGNPDPEITWFKDFLPVDPSASNGRIKQ
LRSGALQIESSEETDQGKYECVATNSAGVRYSSPANLYVRVQNVAPRFSILPMSHEIMPGGNVNITCVAVGSPMPYVKWM
QGAEDLTPEDDMPVGRNVLELTDVKDSANYTCVAMSSLGVIEAVAQITVKSLPKAGTKHHHHHH
;
_entity_poly.pdbx_strand_id   A
#
# COMPACT_ATOMS: atom_id res chain seq x y z
N GLU A 4 13.21 -34.69 -17.05
CA GLU A 4 13.43 -33.85 -18.27
C GLU A 4 12.12 -33.59 -18.99
N GLU A 5 11.88 -32.34 -19.36
CA GLU A 5 10.68 -31.92 -20.10
C GLU A 5 10.89 -30.53 -20.67
N PRO A 6 10.48 -30.31 -21.94
CA PRO A 6 10.65 -28.98 -22.54
C PRO A 6 9.67 -27.95 -21.96
N PRO A 7 9.98 -26.65 -22.08
CA PRO A 7 9.12 -25.62 -21.50
C PRO A 7 8.01 -25.15 -22.43
N ARG A 8 6.90 -24.71 -21.84
CA ARG A 8 5.76 -24.18 -22.57
C ARG A 8 5.24 -22.93 -21.84
N PHE A 9 4.69 -21.99 -22.60
CA PHE A 9 4.28 -20.69 -22.05
C PHE A 9 2.91 -20.76 -21.37
N ILE A 10 2.86 -20.33 -20.10
CA ILE A 10 1.59 -20.21 -19.37
C ILE A 10 0.88 -18.94 -19.85
N LYS A 11 1.67 -17.89 -20.09
CA LYS A 11 1.16 -16.64 -20.64
C LYS A 11 2.12 -16.09 -21.70
N GLU A 12 1.57 -15.60 -22.80
CA GLU A 12 2.35 -15.03 -23.90
C GLU A 12 2.07 -13.54 -24.03
N PRO A 13 3.06 -12.77 -24.52
CA PRO A 13 2.90 -11.33 -24.70
C PRO A 13 2.00 -10.98 -25.87
N LYS A 14 1.24 -9.90 -25.72
CA LYS A 14 0.37 -9.38 -26.77
C LYS A 14 1.01 -8.15 -27.41
N ASP A 15 0.59 -7.82 -28.63
CA ASP A 15 1.00 -6.57 -29.27
C ASP A 15 0.39 -5.39 -28.52
N GLN A 16 1.03 -4.23 -28.61
CA GLN A 16 0.60 -3.05 -27.85
C GLN A 16 0.71 -1.74 -28.64
N ILE A 17 -0.22 -0.83 -28.37
CA ILE A 17 -0.18 0.53 -28.90
C ILE A 17 -0.11 1.50 -27.73
N GLY A 18 1.02 2.16 -27.57
CA GLY A 18 1.24 3.07 -26.44
C GLY A 18 1.17 4.54 -26.82
N VAL A 19 1.31 5.40 -25.82
CA VAL A 19 1.36 6.85 -26.01
C VAL A 19 2.68 7.39 -25.43
N SER A 20 3.29 8.35 -26.13
CA SER A 20 4.60 8.87 -25.74
C SER A 20 4.55 9.52 -24.36
N GLY A 21 5.57 9.26 -23.55
CA GLY A 21 5.61 9.74 -22.17
C GLY A 21 5.02 8.74 -21.20
N GLY A 22 4.16 7.85 -21.72
CA GLY A 22 3.49 6.84 -20.90
C GLY A 22 4.31 5.56 -20.77
N VAL A 23 3.64 4.47 -20.43
CA VAL A 23 4.30 3.20 -20.13
C VAL A 23 3.75 2.09 -20.99
N ALA A 24 4.62 1.16 -21.38
CA ALA A 24 4.19 -0.09 -22.03
C ALA A 24 4.83 -1.27 -21.30
N SER A 25 4.05 -2.33 -21.09
CA SER A 25 4.53 -3.54 -20.41
C SER A 25 4.20 -4.81 -21.20
N PHE A 26 5.18 -5.70 -21.35
CA PHE A 26 5.00 -6.98 -22.02
C PHE A 26 5.28 -8.10 -21.03
N VAL A 27 4.30 -8.99 -20.86
CA VAL A 27 4.40 -10.07 -19.88
C VAL A 27 4.66 -11.41 -20.57
N CYS A 28 5.43 -12.28 -19.90
CA CYS A 28 5.84 -13.54 -20.49
C CYS A 28 6.41 -14.52 -19.45
N GLN A 29 5.68 -15.59 -19.17
CA GLN A 29 6.18 -16.67 -18.28
C GLN A 29 5.91 -18.06 -18.85
N ALA A 30 6.71 -19.02 -18.40
CA ALA A 30 6.62 -20.41 -18.87
C ALA A 30 6.91 -21.41 -17.74
N THR A 31 6.50 -22.66 -17.95
CA THR A 31 6.66 -23.73 -16.95
C THR A 31 7.24 -24.99 -17.58
N GLY A 32 7.89 -25.80 -16.75
CA GLY A 32 8.50 -27.06 -17.22
C GLY A 32 9.42 -27.69 -16.20
N ASP A 33 9.91 -28.89 -16.51
CA ASP A 33 10.83 -29.64 -15.64
C ASP A 33 12.07 -30.06 -16.43
N PRO A 34 13.24 -29.45 -16.14
CA PRO A 34 13.50 -28.43 -15.12
C PRO A 34 12.91 -27.07 -15.47
N LYS A 35 12.89 -26.17 -14.51
CA LYS A 35 12.31 -24.83 -14.69
C LYS A 35 12.94 -24.09 -15.86
N PRO A 36 12.12 -23.32 -16.61
CA PRO A 36 12.67 -22.47 -17.65
C PRO A 36 13.06 -21.10 -17.12
N ARG A 37 13.97 -20.44 -17.84
CA ARG A 37 14.44 -19.10 -17.48
C ARG A 37 14.20 -18.17 -18.67
N VAL A 38 13.36 -17.14 -18.47
CA VAL A 38 12.93 -16.27 -19.57
C VAL A 38 13.76 -14.98 -19.69
N THR A 39 13.99 -14.56 -20.93
CA THR A 39 14.82 -13.38 -21.23
C THR A 39 14.18 -12.56 -22.35
N TRP A 40 14.21 -11.24 -22.22
CA TRP A 40 13.64 -10.34 -23.21
C TRP A 40 14.73 -9.72 -24.08
N ASN A 41 14.50 -9.68 -25.40
CA ASN A 41 15.45 -9.04 -26.32
C ASN A 41 14.83 -8.77 -27.69
N SER A 49 19.44 -0.09 -22.47
CA SER A 49 18.84 1.23 -22.56
C SER A 49 18.21 1.65 -21.22
N GLN A 50 18.45 2.90 -20.83
CA GLN A 50 18.06 3.43 -19.52
C GLN A 50 16.56 3.33 -19.24
N ARG A 51 15.75 3.50 -20.29
CA ARG A 51 14.30 3.53 -20.15
C ARG A 51 13.66 2.14 -20.22
N PHE A 52 14.47 1.14 -20.56
CA PHE A 52 14.03 -0.26 -20.59
C PHE A 52 14.40 -0.93 -19.28
N GLU A 53 13.51 -1.80 -18.78
CA GLU A 53 13.71 -2.48 -17.52
C GLU A 53 13.03 -3.85 -17.54
N THR A 54 13.65 -4.82 -16.87
CA THR A 54 13.12 -6.18 -16.78
C THR A 54 12.81 -6.48 -15.32
N ILE A 55 11.69 -7.17 -15.09
CA ILE A 55 11.27 -7.55 -13.74
C ILE A 55 10.86 -9.02 -13.72
N GLU A 56 11.60 -9.82 -12.95
CA GLU A 56 11.40 -11.25 -12.94
C GLU A 56 10.38 -11.69 -11.88
N PHE A 57 9.77 -12.85 -12.09
CA PHE A 57 8.92 -13.47 -11.09
C PHE A 57 8.86 -14.98 -11.27
N ASP A 58 8.23 -15.67 -10.32
CA ASP A 58 8.12 -17.13 -10.32
C ASP A 58 9.49 -17.78 -10.44
N GLU A 59 10.40 -17.36 -9.55
CA GLU A 59 11.77 -17.88 -9.53
C GLU A 59 12.47 -17.74 -10.88
N SER A 60 12.29 -16.57 -11.52
CA SER A 60 12.92 -16.24 -12.80
C SER A 60 12.16 -16.75 -14.05
N ALA A 61 11.22 -17.67 -13.86
CA ALA A 61 10.47 -18.25 -14.98
C ALA A 61 9.49 -17.26 -15.62
N GLY A 62 9.12 -16.23 -14.87
CA GLY A 62 8.32 -15.13 -15.40
C GLY A 62 9.17 -13.89 -15.59
N ALA A 63 8.75 -13.03 -16.53
CA ALA A 63 9.49 -11.80 -16.83
C ALA A 63 8.58 -10.74 -17.42
N VAL A 64 8.80 -9.49 -17.01
CA VAL A 64 8.05 -8.36 -17.55
C VAL A 64 9.00 -7.30 -18.09
N LEU A 65 8.86 -6.99 -19.38
CA LEU A 65 9.57 -5.89 -20.00
C LEU A 65 8.74 -4.62 -19.83
N ARG A 66 9.35 -3.57 -19.30
CA ARG A 66 8.69 -2.28 -19.08
C ARG A 66 9.49 -1.16 -19.74
N ILE A 67 8.84 -0.47 -20.69
CA ILE A 67 9.44 0.69 -21.35
C ILE A 67 8.79 1.96 -20.82
N GLN A 68 9.58 2.82 -20.18
CA GLN A 68 9.08 4.11 -19.67
C GLN A 68 10.21 5.15 -19.53
N PRO A 69 9.97 6.40 -19.97
CA PRO A 69 8.81 6.85 -20.75
C PRO A 69 8.93 6.42 -22.21
N LEU A 70 7.79 6.27 -22.87
CA LEU A 70 7.76 5.90 -24.29
C LEU A 70 8.25 7.06 -25.15
N ARG A 71 9.15 6.76 -26.08
CA ARG A 71 9.62 7.72 -27.07
C ARG A 71 9.41 7.13 -28.45
N THR A 72 8.69 7.86 -29.31
CA THR A 72 8.39 7.39 -30.67
C THR A 72 9.30 8.11 -31.67
N PRO A 73 9.75 7.41 -32.73
CA PRO A 73 9.52 6.01 -33.10
C PRO A 73 10.63 5.06 -32.68
N ARG A 74 11.49 5.48 -31.75
CA ARG A 74 12.66 4.69 -31.36
C ARG A 74 12.30 3.36 -30.70
N ASP A 75 11.21 3.35 -29.93
CA ASP A 75 10.73 2.14 -29.25
C ASP A 75 9.88 1.26 -30.15
N GLU A 76 9.54 1.75 -31.35
CA GLU A 76 8.58 1.09 -32.22
C GLU A 76 9.20 -0.12 -32.91
N ASN A 77 9.31 -1.22 -32.17
CA ASN A 77 9.97 -2.44 -32.67
C ASN A 77 9.28 -3.72 -32.20
N VAL A 78 9.79 -4.86 -32.68
CA VAL A 78 9.37 -6.19 -32.21
C VAL A 78 10.29 -6.66 -31.09
N TYR A 79 9.72 -7.33 -30.09
CA TYR A 79 10.49 -7.86 -28.96
C TYR A 79 10.20 -9.34 -28.74
N GLU A 80 11.25 -10.10 -28.47
CA GLU A 80 11.16 -11.55 -28.31
C GLU A 80 11.36 -11.95 -26.86
N CYS A 81 10.61 -12.97 -26.42
CA CYS A 81 10.77 -13.55 -25.09
C CYS A 81 11.24 -15.01 -25.18
N VAL A 82 12.55 -15.22 -25.10
CA VAL A 82 13.12 -16.57 -25.18
C VAL A 82 12.95 -17.31 -23.84
N ALA A 83 13.20 -18.62 -23.86
CA ALA A 83 13.09 -19.45 -22.66
C ALA A 83 14.10 -20.60 -22.69
N GLN A 84 15.16 -20.47 -21.89
CA GLN A 84 16.24 -21.47 -21.88
C GLN A 84 15.84 -22.69 -21.05
N ASN A 85 16.28 -23.86 -21.50
CA ASN A 85 16.01 -25.12 -20.80
C ASN A 85 17.00 -26.20 -21.23
N SER A 86 17.18 -27.22 -20.41
CA SER A 86 18.06 -28.34 -20.75
C SER A 86 17.62 -29.09 -22.00
N VAL A 87 16.31 -29.12 -22.25
CA VAL A 87 15.77 -29.81 -23.41
C VAL A 87 15.86 -28.95 -24.68
N GLY A 88 15.49 -27.67 -24.56
CA GLY A 88 15.54 -26.75 -25.71
C GLY A 88 15.16 -25.33 -25.35
N GLU A 89 14.59 -24.61 -26.32
CA GLU A 89 14.15 -23.22 -26.12
C GLU A 89 13.15 -22.77 -27.18
N ILE A 90 12.25 -21.85 -26.80
CA ILE A 90 11.19 -21.36 -27.68
C ILE A 90 11.19 -19.83 -27.75
N THR A 91 10.67 -19.29 -28.85
CA THR A 91 10.56 -17.84 -29.05
C THR A 91 9.09 -17.39 -29.12
N VAL A 92 8.81 -16.18 -28.63
CA VAL A 92 7.50 -15.55 -28.79
C VAL A 92 7.66 -14.06 -29.09
N HIS A 93 6.91 -13.55 -30.06
CA HIS A 93 7.03 -12.15 -30.51
C HIS A 93 5.93 -11.27 -29.93
N ALA A 94 6.15 -9.95 -30.02
CA ALA A 94 5.17 -8.95 -29.59
C ALA A 94 5.59 -7.57 -30.13
N LYS A 95 4.66 -6.89 -30.79
CA LYS A 95 4.94 -5.62 -31.47
C LYS A 95 4.59 -4.42 -30.60
N LEU A 96 5.42 -3.39 -30.67
CA LEU A 96 5.16 -2.13 -29.97
C LEU A 96 4.93 -0.99 -30.96
N THR A 97 3.85 -0.25 -30.76
CA THR A 97 3.58 0.99 -31.49
C THR A 97 3.44 2.11 -30.47
N VAL A 98 3.88 3.31 -30.83
CA VAL A 98 3.80 4.47 -29.93
C VAL A 98 3.35 5.72 -30.70
N LEU A 99 2.31 6.38 -30.20
CA LEU A 99 1.82 7.63 -30.78
C LEU A 99 2.07 8.81 -29.85
N ARG A 100 1.91 10.02 -30.36
CA ARG A 100 1.99 11.22 -29.53
C ARG A 100 0.59 11.69 -29.17
N GLU A 101 0.48 12.48 -28.11
CA GLU A 101 -0.80 12.99 -27.62
C GLU A 101 -1.59 13.68 -28.75
N ASP A 102 -0.89 14.47 -29.56
CA ASP A 102 -1.51 15.20 -30.67
C ASP A 102 -1.90 14.31 -31.85
N GLN A 103 -1.69 13.00 -31.72
CA GLN A 103 -2.02 12.05 -32.79
C GLN A 103 -2.92 10.91 -32.31
N LEU A 104 -3.53 11.07 -31.13
CA LEU A 104 -4.33 9.99 -30.55
C LEU A 104 -5.72 9.94 -31.17
N PRO A 105 -6.17 8.72 -31.55
CA PRO A 105 -7.54 8.51 -32.03
C PRO A 105 -8.59 8.92 -31.01
N SER A 106 -9.75 9.37 -31.48
CA SER A 106 -10.81 9.87 -30.62
C SER A 106 -11.16 8.93 -29.48
N GLY A 107 -11.23 7.63 -29.76
CA GLY A 107 -11.59 6.64 -28.75
C GLY A 107 -10.42 6.04 -27.98
N PHE A 108 -9.27 6.70 -27.98
CA PHE A 108 -8.09 6.20 -27.27
C PHE A 108 -8.33 6.37 -25.78
N PRO A 109 -7.92 5.37 -24.96
CA PRO A 109 -8.26 5.44 -23.54
C PRO A 109 -7.69 6.65 -22.79
N ASN A 110 -8.50 7.19 -21.87
CA ASN A 110 -8.12 8.31 -21.03
C ASN A 110 -8.44 7.99 -19.57
N ILE A 111 -7.57 8.40 -18.65
CA ILE A 111 -7.81 8.18 -17.22
C ILE A 111 -8.53 9.39 -16.62
N ASP A 112 -9.82 9.24 -16.34
CA ASP A 112 -10.64 10.32 -15.80
C ASP A 112 -10.31 10.59 -14.33
N MET A 113 -10.23 9.53 -13.54
CA MET A 113 -9.81 9.60 -12.14
C MET A 113 -8.92 8.41 -11.87
N GLY A 114 -7.65 8.66 -11.57
CA GLY A 114 -6.72 7.59 -11.24
C GLY A 114 -6.58 7.42 -9.74
N PRO A 115 -5.78 6.42 -9.33
CA PRO A 115 -5.53 6.18 -7.91
C PRO A 115 -4.57 7.21 -7.32
N GLN A 116 -4.53 7.28 -5.99
CA GLN A 116 -3.77 8.30 -5.28
C GLN A 116 -3.11 7.69 -4.06
N LEU A 117 -2.01 8.31 -3.64
CA LEU A 117 -1.33 7.95 -2.39
C LEU A 117 -2.36 7.63 -1.32
N LYS A 118 -2.24 6.46 -0.69
CA LYS A 118 -3.17 6.06 0.36
C LYS A 118 -2.47 5.32 1.50
N VAL A 119 -3.01 5.46 2.72
CA VAL A 119 -2.60 4.67 3.87
C VAL A 119 -3.80 3.86 4.35
N VAL A 120 -3.58 2.58 4.62
CA VAL A 120 -4.64 1.73 5.13
C VAL A 120 -4.09 1.00 6.35
N GLU A 121 -4.86 0.93 7.42
CA GLU A 121 -4.42 0.19 8.59
C GLU A 121 -4.59 -1.29 8.30
N ARG A 122 -3.77 -2.14 8.93
CA ARG A 122 -3.76 -3.58 8.65
C ARG A 122 -5.13 -4.17 8.90
N THR A 123 -5.51 -5.14 8.06
CA THR A 123 -6.82 -5.81 8.10
C THR A 123 -7.97 -4.96 7.55
N ARG A 124 -7.74 -3.69 7.26
CA ARG A 124 -8.78 -2.82 6.74
C ARG A 124 -8.82 -2.87 5.22
N THR A 125 -9.89 -2.34 4.64
CA THR A 125 -10.09 -2.41 3.20
C THR A 125 -9.50 -1.17 2.48
N ALA A 126 -8.66 -1.44 1.49
CA ALA A 126 -8.10 -0.42 0.61
C ALA A 126 -8.71 -0.56 -0.79
N THR A 127 -9.33 0.51 -1.29
CA THR A 127 -9.98 0.49 -2.60
C THR A 127 -9.35 1.50 -3.56
N MET A 128 -8.43 1.02 -4.38
CA MET A 128 -7.68 1.86 -5.31
C MET A 128 -8.58 2.21 -6.49
N LEU A 129 -9.11 3.45 -6.49
CA LEU A 129 -10.05 3.90 -7.52
C LEU A 129 -9.39 4.02 -8.89
N CYS A 130 -10.20 3.83 -9.94
CA CYS A 130 -9.76 4.12 -11.30
C CYS A 130 -10.94 4.19 -12.27
N ALA A 131 -11.21 5.39 -12.79
CA ALA A 131 -12.26 5.61 -13.79
C ALA A 131 -11.61 6.02 -15.10
N ALA A 132 -11.94 5.30 -16.18
CA ALA A 132 -11.35 5.54 -17.51
C ALA A 132 -12.39 5.50 -18.61
N SER A 133 -12.26 6.41 -19.57
CA SER A 133 -13.14 6.43 -20.74
C SER A 133 -12.37 6.06 -21.99
N GLY A 134 -13.12 5.75 -23.05
CA GLY A 134 -12.54 5.35 -24.34
C GLY A 134 -13.64 4.80 -25.22
N ASN A 135 -13.30 4.46 -26.46
CA ASN A 135 -14.28 3.90 -27.40
C ASN A 135 -13.65 2.83 -28.29
N PRO A 136 -13.96 1.55 -28.02
CA PRO A 136 -14.83 1.02 -26.96
C PRO A 136 -14.33 1.30 -25.55
N ASP A 137 -15.24 1.11 -24.58
CA ASP A 137 -14.91 1.30 -23.19
C ASP A 137 -13.72 0.41 -22.87
N PRO A 138 -12.71 0.95 -22.19
CA PRO A 138 -11.49 0.18 -21.94
C PRO A 138 -11.63 -0.85 -20.85
N GLU A 139 -10.81 -1.90 -20.92
CA GLU A 139 -10.74 -2.93 -19.91
C GLU A 139 -9.66 -2.55 -18.92
N ILE A 140 -10.00 -2.46 -17.64
CA ILE A 140 -9.00 -2.12 -16.62
C ILE A 140 -8.25 -3.36 -16.14
N THR A 141 -6.93 -3.33 -16.28
CA THR A 141 -6.04 -4.20 -15.48
C THR A 141 -5.26 -3.33 -14.50
N TRP A 142 -4.62 -3.95 -13.50
CA TRP A 142 -3.80 -3.23 -12.51
C TRP A 142 -2.39 -3.78 -12.43
N PHE A 143 -1.45 -2.92 -12.06
CA PHE A 143 -0.07 -3.31 -11.81
C PHE A 143 0.37 -2.85 -10.43
N LYS A 144 1.27 -3.63 -9.81
CA LYS A 144 1.81 -3.33 -8.50
C LYS A 144 3.29 -3.64 -8.52
N ASP A 145 4.12 -2.64 -8.21
CA ASP A 145 5.58 -2.75 -8.27
C ASP A 145 6.07 -3.27 -9.63
N PHE A 146 5.51 -2.69 -10.70
CA PHE A 146 5.82 -3.03 -12.09
C PHE A 146 5.42 -4.46 -12.50
N LEU A 147 4.62 -5.14 -11.68
CA LEU A 147 4.13 -6.48 -12.02
C LEU A 147 2.61 -6.51 -11.93
N PRO A 148 1.96 -7.28 -12.82
CA PRO A 148 0.50 -7.27 -12.87
C PRO A 148 -0.14 -7.92 -11.66
N VAL A 149 -1.28 -7.37 -11.22
CA VAL A 149 -2.06 -7.97 -10.15
C VAL A 149 -2.97 -9.02 -10.74
N ASP A 150 -3.08 -10.16 -10.07
CA ASP A 150 -4.00 -11.24 -10.46
C ASP A 150 -4.96 -11.54 -9.30
N PRO A 151 -6.11 -10.83 -9.26
CA PRO A 151 -7.09 -10.96 -8.17
C PRO A 151 -7.60 -12.39 -7.98
N SER A 152 -7.72 -13.15 -9.07
CA SER A 152 -8.13 -14.55 -8.99
C SER A 152 -7.19 -15.38 -8.12
N ALA A 153 -5.92 -14.97 -8.04
CA ALA A 153 -4.93 -15.67 -7.21
C ALA A 153 -5.12 -15.41 -5.71
N SER A 154 -5.87 -14.37 -5.35
CA SER A 154 -6.03 -14.00 -3.94
C SER A 154 -7.06 -14.81 -3.16
N ASN A 155 -7.71 -15.77 -3.82
CA ASN A 155 -8.80 -16.55 -3.19
C ASN A 155 -9.86 -15.65 -2.56
N GLY A 156 -10.32 -14.66 -3.32
CA GLY A 156 -11.47 -13.85 -2.93
C GLY A 156 -11.15 -12.58 -2.17
N ARG A 157 -9.97 -12.51 -1.57
CA ARG A 157 -9.58 -11.35 -0.76
C ARG A 157 -9.45 -10.07 -1.59
N ILE A 158 -8.87 -10.18 -2.77
CA ILE A 158 -8.77 -9.07 -3.71
C ILE A 158 -9.69 -9.30 -4.89
N LYS A 159 -10.37 -8.24 -5.35
CA LYS A 159 -11.25 -8.33 -6.50
C LYS A 159 -11.44 -6.98 -7.14
N GLN A 160 -11.59 -6.98 -8.45
CA GLN A 160 -11.89 -5.77 -9.20
C GLN A 160 -13.39 -5.53 -9.19
N LEU A 161 -13.80 -4.28 -8.96
CA LEU A 161 -15.22 -3.96 -8.96
C LEU A 161 -15.62 -3.61 -10.40
N ARG A 162 -16.93 -3.53 -10.67
CA ARG A 162 -17.42 -3.18 -12.01
C ARG A 162 -16.88 -1.84 -12.49
N SER A 163 -16.55 -0.96 -11.55
CA SER A 163 -16.10 0.39 -11.86
C SER A 163 -14.65 0.42 -12.34
N GLY A 164 -13.91 -0.65 -12.09
CA GLY A 164 -12.48 -0.69 -12.40
C GLY A 164 -11.67 -0.67 -11.11
N ALA A 165 -12.29 -0.22 -10.03
CA ALA A 165 -11.66 -0.16 -8.72
C ALA A 165 -11.05 -1.50 -8.30
N LEU A 166 -9.82 -1.46 -7.82
CA LEU A 166 -9.20 -2.61 -7.16
C LEU A 166 -9.50 -2.54 -5.66
N GLN A 167 -10.30 -3.48 -5.17
CA GLN A 167 -10.65 -3.53 -3.76
C GLN A 167 -9.82 -4.60 -3.07
N ILE A 168 -9.04 -4.17 -2.09
CA ILE A 168 -8.19 -5.02 -1.30
C ILE A 168 -8.76 -5.11 0.12
N GLU A 169 -9.45 -6.22 0.41
CA GLU A 169 -9.94 -6.47 1.76
C GLU A 169 -8.83 -7.10 2.58
N SER A 170 -8.96 -7.04 3.90
CA SER A 170 -8.00 -7.64 4.82
C SER A 170 -6.59 -7.29 4.42
N SER A 171 -6.30 -6.00 4.36
CA SER A 171 -5.00 -5.52 3.93
C SER A 171 -3.91 -6.09 4.81
N GLU A 172 -2.84 -6.57 4.18
CA GLU A 172 -1.68 -7.09 4.90
C GLU A 172 -0.42 -6.38 4.40
N GLU A 173 0.70 -6.62 5.08
CA GLU A 173 1.94 -5.88 4.80
C GLU A 173 2.38 -5.98 3.34
N THR A 174 2.23 -7.16 2.74
CA THR A 174 2.64 -7.38 1.35
C THR A 174 1.79 -6.63 0.30
N ASP A 175 0.64 -6.12 0.69
CA ASP A 175 -0.17 -5.30 -0.20
C ASP A 175 0.39 -3.89 -0.37
N GLN A 176 1.33 -3.50 0.49
CA GLN A 176 2.04 -2.23 0.34
C GLN A 176 2.86 -2.25 -0.95
N GLY A 177 2.79 -1.15 -1.71
CA GLY A 177 3.52 -1.02 -2.98
C GLY A 177 2.97 0.06 -3.89
N LYS A 178 3.62 0.23 -5.04
CA LYS A 178 3.26 1.27 -6.03
C LYS A 178 2.24 0.74 -7.04
N TYR A 179 0.99 1.19 -6.94
CA TYR A 179 -0.08 0.75 -7.83
C TYR A 179 -0.30 1.73 -9.00
N GLU A 180 -0.59 1.18 -10.17
CA GLU A 180 -1.02 1.97 -11.32
C GLU A 180 -2.09 1.18 -12.09
N CYS A 181 -3.19 1.86 -12.45
CA CYS A 181 -4.26 1.22 -13.23
C CYS A 181 -3.98 1.43 -14.72
N VAL A 182 -4.31 0.42 -15.52
CA VAL A 182 -4.07 0.43 -16.95
C VAL A 182 -5.37 0.20 -17.70
N ALA A 183 -5.66 1.08 -18.66
CA ALA A 183 -6.86 0.95 -19.48
C ALA A 183 -6.44 0.54 -20.88
N THR A 184 -7.06 -0.52 -21.40
CA THR A 184 -6.75 -1.04 -22.72
C THR A 184 -8.02 -1.20 -23.54
N ASN A 185 -7.97 -0.79 -24.80
CA ASN A 185 -8.98 -1.15 -25.78
C ASN A 185 -8.35 -1.28 -27.17
N SER A 186 -9.15 -1.34 -28.23
CA SER A 186 -8.62 -1.56 -29.58
C SER A 186 -7.75 -0.38 -30.07
N ALA A 187 -8.01 0.82 -29.55
CA ALA A 187 -7.22 2.00 -29.89
C ALA A 187 -5.81 1.98 -29.26
N GLY A 188 -5.65 1.35 -28.10
CA GLY A 188 -4.35 1.24 -27.44
C GLY A 188 -4.40 1.16 -25.93
N VAL A 189 -3.29 1.51 -25.29
CA VAL A 189 -3.09 1.33 -23.84
C VAL A 189 -2.65 2.62 -23.15
N ARG A 190 -3.39 3.01 -22.10
CA ARG A 190 -3.07 4.20 -21.30
C ARG A 190 -2.82 3.84 -19.82
N TYR A 191 -1.70 4.32 -19.27
CA TYR A 191 -1.33 4.11 -17.86
C TYR A 191 -1.66 5.34 -17.05
N SER A 192 -2.03 5.13 -15.79
CA SER A 192 -2.35 6.22 -14.87
C SER A 192 -1.09 6.66 -14.16
N SER A 193 -1.15 7.85 -13.54
CA SER A 193 -0.15 8.26 -12.56
C SER A 193 -0.10 7.21 -11.46
N PRO A 194 1.13 6.80 -11.05
CA PRO A 194 1.25 5.80 -9.99
C PRO A 194 0.72 6.29 -8.66
N ALA A 195 0.37 5.37 -7.78
CA ALA A 195 -0.07 5.72 -6.44
C ALA A 195 0.45 4.70 -5.45
N ASN A 196 1.14 5.17 -4.41
CA ASN A 196 1.64 4.29 -3.36
C ASN A 196 0.54 3.96 -2.35
N LEU A 197 0.46 2.69 -1.96
CA LEU A 197 -0.39 2.24 -0.86
C LEU A 197 0.51 1.88 0.32
N TYR A 198 0.24 2.44 1.49
CA TYR A 198 0.99 2.11 2.71
C TYR A 198 0.10 1.35 3.68
N VAL A 199 0.59 0.22 4.19
CA VAL A 199 -0.17 -0.59 5.14
C VAL A 199 0.37 -0.41 6.55
N ARG A 200 -0.43 0.22 7.40
CA ARG A 200 -0.03 0.61 8.74
C ARG A 200 -0.27 -0.49 9.77
N VAL A 201 0.81 -0.94 10.39
CA VAL A 201 0.73 -1.79 11.56
C VAL A 201 0.99 -0.91 12.79
N GLN A 202 0.11 -1.00 13.77
CA GLN A 202 0.24 -0.29 15.04
C GLN A 202 0.62 -1.30 16.13
N ASN A 203 1.89 -1.34 16.50
CA ASN A 203 2.38 -2.37 17.41
C ASN A 203 3.47 -1.89 18.36
N VAL A 204 3.18 -0.78 19.06
CA VAL A 204 4.09 -0.25 20.07
C VAL A 204 3.36 -0.16 21.41
N ALA A 205 3.85 -0.90 22.40
CA ALA A 205 3.24 -0.96 23.73
C ALA A 205 3.37 0.40 24.40
N PRO A 206 2.40 0.76 25.24
CA PRO A 206 2.35 2.10 25.79
C PRO A 206 3.39 2.34 26.87
N ARG A 207 3.98 3.53 26.87
CA ARG A 207 4.99 3.94 27.85
C ARG A 207 4.86 5.43 28.14
N PHE A 208 5.31 5.85 29.32
CA PHE A 208 5.18 7.25 29.74
C PHE A 208 6.27 8.09 29.09
N SER A 209 5.88 9.26 28.59
CA SER A 209 6.85 10.23 28.06
C SER A 209 7.13 11.32 29.10
N ILE A 210 6.08 11.73 29.83
CA ILE A 210 6.18 12.69 30.93
C ILE A 210 5.53 12.12 32.21
N LEU A 211 6.35 11.74 33.19
CA LEU A 211 5.86 11.20 34.46
C LEU A 211 5.20 12.26 35.33
N PRO A 212 4.24 11.86 36.17
CA PRO A 212 3.70 12.79 37.15
C PRO A 212 4.73 13.10 38.24
N MET A 213 4.74 14.35 38.70
CA MET A 213 5.67 14.76 39.73
C MET A 213 5.03 14.66 41.11
N SER A 214 5.80 14.20 42.10
CA SER A 214 5.40 14.27 43.50
C SER A 214 5.55 15.73 43.94
N HIS A 215 4.77 16.14 44.93
CA HIS A 215 4.83 17.50 45.43
C HIS A 215 4.63 17.55 46.95
N GLU A 216 5.01 18.69 47.53
CA GLU A 216 4.68 19.05 48.90
C GLU A 216 3.94 20.38 48.83
N ILE A 217 2.83 20.51 49.57
CA ILE A 217 2.00 21.72 49.49
C ILE A 217 1.46 22.17 50.85
N MET A 218 1.05 23.45 50.89
CA MET A 218 0.31 24.01 52.01
C MET A 218 -1.18 23.70 51.80
N PRO A 219 -2.01 23.84 52.84
CA PRO A 219 -3.44 23.59 52.67
C PRO A 219 -4.10 24.55 51.66
N GLY A 220 -4.45 24.02 50.48
CA GLY A 220 -5.03 24.82 49.41
C GLY A 220 -4.14 25.93 48.90
N GLY A 221 -3.06 25.61 48.19
CA GLY A 221 -2.69 24.24 47.86
C GLY A 221 -3.20 23.83 46.50
N ASN A 222 -2.84 24.62 45.49
CA ASN A 222 -3.27 24.38 44.10
C ASN A 222 -2.10 23.78 43.31
N VAL A 223 -2.25 22.54 42.84
CA VAL A 223 -1.24 21.92 41.98
C VAL A 223 -1.88 21.09 40.87
N ASN A 224 -1.40 21.28 39.65
CA ASN A 224 -1.79 20.44 38.54
C ASN A 224 -0.73 19.36 38.41
N ILE A 225 -1.17 18.14 38.12
CA ILE A 225 -0.26 17.02 37.92
C ILE A 225 -0.42 16.52 36.49
N THR A 226 0.69 16.40 35.77
CA THR A 226 0.65 16.04 34.36
C THR A 226 1.10 14.60 34.12
N CYS A 227 0.37 13.89 33.29
CA CYS A 227 0.72 12.55 32.87
C CYS A 227 0.62 12.51 31.36
N VAL A 228 1.70 12.10 30.69
CA VAL A 228 1.70 11.94 29.24
C VAL A 228 2.33 10.61 28.87
N ALA A 229 1.57 9.80 28.13
CA ALA A 229 2.03 8.49 27.64
C ALA A 229 1.90 8.41 26.11
N VAL A 230 2.71 7.53 25.51
CA VAL A 230 2.75 7.37 24.06
C VAL A 230 2.78 5.89 23.69
N GLY A 231 2.59 5.60 22.39
CA GLY A 231 2.51 4.23 21.89
C GLY A 231 1.65 4.16 20.65
N SER A 232 1.63 2.99 19.99
CA SER A 232 0.88 2.83 18.74
C SER A 232 0.14 1.50 18.76
N PRO A 233 -1.19 1.53 19.01
CA PRO A 233 -2.04 2.70 19.16
C PRO A 233 -1.74 3.56 20.37
N MET A 234 -2.28 4.77 20.35
CA MET A 234 -2.01 5.77 21.39
C MET A 234 -2.90 5.43 22.59
N PRO A 235 -2.32 5.38 23.79
CA PRO A 235 -3.09 4.90 24.93
C PRO A 235 -4.05 5.94 25.50
N TYR A 236 -5.15 5.49 26.10
CA TYR A 236 -5.97 6.36 26.94
C TYR A 236 -5.13 6.72 28.17
N VAL A 237 -5.47 7.81 28.84
CA VAL A 237 -4.80 8.20 30.08
C VAL A 237 -5.81 8.73 31.11
N LYS A 238 -6.00 7.98 32.20
CA LYS A 238 -6.96 8.32 33.25
C LYS A 238 -6.30 8.37 34.62
N TRP A 239 -7.04 8.92 35.59
CA TRP A 239 -6.53 9.09 36.96
C TRP A 239 -7.34 8.29 37.97
N MET A 240 -6.65 7.86 39.03
CA MET A 240 -7.29 7.16 40.15
C MET A 240 -6.61 7.54 41.46
N GLN A 241 -7.40 7.49 42.54
CA GLN A 241 -6.86 7.54 43.90
C GLN A 241 -7.24 6.22 44.57
N GLY A 242 -6.44 5.19 44.29
CA GLY A 242 -6.73 3.84 44.75
C GLY A 242 -7.85 3.22 43.94
N ALA A 243 -8.90 2.78 44.64
CA ALA A 243 -10.04 2.11 44.01
C ALA A 243 -10.86 3.04 43.10
N GLU A 244 -11.05 4.28 43.55
CA GLU A 244 -11.89 5.22 42.82
C GLU A 244 -11.13 5.86 41.67
N ASP A 245 -11.74 5.88 40.48
CA ASP A 245 -11.14 6.54 39.33
C ASP A 245 -11.83 7.87 39.05
N LEU A 246 -11.02 8.92 38.91
CA LEU A 246 -11.52 10.29 38.81
C LEU A 246 -12.04 10.63 37.42
N THR A 247 -11.34 10.17 36.38
CA THR A 247 -11.72 10.48 35.00
C THR A 247 -12.99 9.74 34.57
N PRO A 248 -14.01 10.49 34.08
CA PRO A 248 -15.24 9.85 33.62
C PRO A 248 -15.08 9.17 32.27
N GLU A 249 -15.71 8.00 32.12
CA GLU A 249 -15.54 7.16 30.92
C GLU A 249 -15.98 7.85 29.62
N ASP A 250 -17.16 8.48 29.66
CA ASP A 250 -17.74 9.14 28.48
C ASP A 250 -16.69 9.88 27.64
N ASP A 251 -15.95 10.77 28.27
CA ASP A 251 -14.81 11.43 27.62
C ASP A 251 -13.52 11.17 28.41
N MET A 252 -12.71 10.26 27.89
CA MET A 252 -11.42 9.94 28.48
C MET A 252 -10.33 10.41 27.54
N PRO A 253 -9.36 11.19 28.04
CA PRO A 253 -8.33 11.73 27.15
C PRO A 253 -7.41 10.67 26.59
N VAL A 254 -6.91 10.90 25.38
CA VAL A 254 -5.91 10.02 24.77
C VAL A 254 -4.57 10.74 24.80
N GLY A 255 -3.54 10.07 25.33
CA GLY A 255 -2.18 10.60 25.33
C GLY A 255 -1.79 11.48 26.51
N ARG A 256 -2.65 12.43 26.87
CA ARG A 256 -2.30 13.46 27.85
C ARG A 256 -3.47 13.73 28.78
N ASN A 257 -3.18 13.74 30.08
CA ASN A 257 -4.19 14.01 31.11
C ASN A 257 -3.54 14.74 32.27
N VAL A 258 -4.03 15.95 32.56
CA VAL A 258 -3.43 16.79 33.59
C VAL A 258 -4.44 17.02 34.73
N LEU A 259 -4.19 16.37 35.87
CA LEU A 259 -5.10 16.42 37.02
C LEU A 259 -5.01 17.72 37.78
N GLU A 260 -6.00 18.58 37.59
CA GLU A 260 -6.09 19.86 38.32
C GLU A 260 -6.64 19.63 39.72
N LEU A 261 -5.88 20.02 40.73
CA LEU A 261 -6.33 19.96 42.13
C LEU A 261 -6.48 21.38 42.67
N THR A 262 -7.71 21.73 43.06
CA THR A 262 -8.05 23.10 43.42
C THR A 262 -7.62 23.46 44.83
N ASP A 263 -8.38 22.99 45.83
CA ASP A 263 -8.12 23.30 47.24
C ASP A 263 -7.96 22.01 48.03
N VAL A 264 -6.71 21.67 48.37
CA VAL A 264 -6.37 20.39 49.00
C VAL A 264 -6.11 20.59 50.49
N LYS A 265 -6.51 19.60 51.29
CA LYS A 265 -6.39 19.69 52.76
C LYS A 265 -5.58 18.56 53.38
N ASP A 266 -5.85 17.33 52.96
CA ASP A 266 -5.12 16.16 53.44
C ASP A 266 -4.26 15.55 52.34
N SER A 267 -3.20 14.86 52.74
CA SER A 267 -2.26 14.23 51.81
C SER A 267 -2.86 12.97 51.20
N ALA A 268 -2.56 12.72 49.93
CA ALA A 268 -3.12 11.59 49.20
C ALA A 268 -2.24 11.17 48.01
N ASN A 269 -2.29 9.88 47.66
CA ASN A 269 -1.52 9.32 46.54
C ASN A 269 -2.38 9.15 45.30
N TYR A 270 -2.06 9.87 44.22
CA TYR A 270 -2.79 9.80 42.96
C TYR A 270 -2.04 8.96 41.93
N THR A 271 -2.76 8.06 41.26
CA THR A 271 -2.17 7.14 40.30
C THR A 271 -2.61 7.46 38.88
N CYS A 272 -1.64 7.58 37.97
CA CYS A 272 -1.94 7.75 36.56
C CYS A 272 -1.87 6.41 35.85
N VAL A 273 -2.94 6.02 35.16
CA VAL A 273 -2.93 4.79 34.38
C VAL A 273 -3.01 5.10 32.89
N ALA A 274 -1.99 4.66 32.14
CA ALA A 274 -1.99 4.71 30.69
C ALA A 274 -2.33 3.31 30.18
N MET A 275 -3.16 3.21 29.15
CA MET A 275 -3.68 1.93 28.69
C MET A 275 -4.04 1.90 27.21
N SER A 276 -3.54 0.87 26.53
CA SER A 276 -3.89 0.59 25.14
C SER A 276 -4.10 -0.91 24.99
N SER A 277 -4.43 -1.34 23.78
CA SER A 277 -4.64 -2.76 23.53
C SER A 277 -3.37 -3.59 23.68
N LEU A 278 -2.21 -2.91 23.77
CA LEU A 278 -0.92 -3.60 23.91
C LEU A 278 -0.37 -3.55 25.34
N GLY A 279 -1.13 -2.96 26.27
CA GLY A 279 -0.73 -2.98 27.68
C GLY A 279 -1.30 -1.88 28.56
N VAL A 280 -1.09 -2.06 29.86
CA VAL A 280 -1.46 -1.07 30.88
C VAL A 280 -0.24 -0.73 31.72
N ILE A 281 0.02 0.56 31.90
CA ILE A 281 1.15 1.04 32.68
C ILE A 281 0.66 2.00 33.76
N GLU A 282 1.41 2.08 34.85
CA GLU A 282 1.05 2.92 35.99
C GLU A 282 2.22 3.71 36.52
N ALA A 283 1.95 4.93 36.98
CA ALA A 283 2.94 5.76 37.64
C ALA A 283 2.22 6.61 38.68
N VAL A 284 2.83 6.76 39.85
CA VAL A 284 2.17 7.41 41.00
C VAL A 284 2.75 8.78 41.32
N ALA A 285 1.87 9.70 41.70
CA ALA A 285 2.24 11.01 42.20
C ALA A 285 1.68 11.16 43.61
N GLN A 286 2.52 11.56 44.57
CA GLN A 286 2.08 11.67 45.95
C GLN A 286 2.17 13.08 46.51
N ILE A 287 1.01 13.63 46.86
CA ILE A 287 0.91 14.94 47.48
C ILE A 287 1.01 14.77 49.00
N THR A 288 1.80 15.64 49.63
CA THR A 288 2.02 15.59 51.08
C THR A 288 1.63 16.92 51.73
#